data_4WJ4
#
_entry.id   4WJ4
#
_cell.length_a   157.913
_cell.length_b   157.913
_cell.length_c   146.260
_cell.angle_alpha   90.00
_cell.angle_beta   90.00
_cell.angle_gamma   90.00
#
_symmetry.space_group_name_H-M   'P 41 2 2'
#
loop_
_entity.id
_entity.type
_entity.pdbx_description
1 polymer 'Aspartate--tRNA(Asp/Asn) ligase'
2 polymer 76mer-tRNA
3 non-polymer 'ASPARTIC ACID'
#
loop_
_entity_poly.entity_id
_entity_poly.type
_entity_poly.pdbx_seq_one_letter_code
_entity_poly.pdbx_strand_id
1 'polypeptide(L)'
;MGHHHHHHMMRSHYCGQLNESLDGQEVTLCGWVHRRRDHGGVIFLDVRDREGLAQVVFDPDRAETFAKADRVRSEFVVKI
TGKVRLRPEGARNPNMASGSIEVLGYELEVLNQAETPPFPLDEYSDVGEETRLRYRFIDLRRPEMAAKLKLRARITSSIR
RYLDDNGFLDVETPILGRPTPEGARDYLVPSRTYPGHFFALPQSPQLFKQLLMVAGFDRYYQIAKCFRDEDLRADRQPEF
TQIDIETSFLDESDIIGITEKMVRQLFKEVLDVEFDEFPHMPFEEAMRRYGSDKPDLRIPLELVDVADQLKEVEFKVFSG
PANDPKGRVAALRVPGAASMPRSQIDDYTKFVGIYGAKGLAYIKVNERAKGVEGLQSPIVKFIPEANLNVILDRVGAVDG
DIVFFGADKAKIVCDALGALRIKVGHDLKLLTREWAPMWVVDFPMFEENDDGSLSALHHPFTSPKCTPAELEANPGAALS
RAYDMVLNGTELGGGSIRIHDKSMQQAVFRVLGIDEAEQEEKFGFLLDALKYGAPPHGGLAFGLDRLVMLMTGASSIREV
IAFPKTQSAGDVMTQAPGSVDGKALRELHIRLREQPKAE
;
A
2 'polyribonucleotide' UCCGCGAUAGCUCAGUCGGUAGAGCAAAUGACUGUUAAUCAUUGGGUCCCUGGUUCGAGUCCAGGUCGCGGAGCCA B
#
# COMPACT_ATOMS: atom_id res chain seq x y z
N MET A 10 -11.49 20.76 33.00
CA MET A 10 -10.31 20.47 33.79
C MET A 10 -9.05 21.10 33.17
N ARG A 11 -8.89 20.92 31.86
CA ARG A 11 -7.79 21.54 31.14
C ARG A 11 -8.25 22.86 30.50
N SER A 12 -7.39 23.88 30.54
CA SER A 12 -7.70 25.17 29.95
C SER A 12 -7.35 25.18 28.47
N HIS A 13 -6.08 24.91 28.17
CA HIS A 13 -5.60 24.91 26.80
C HIS A 13 -4.64 23.74 26.56
N TYR A 14 -4.50 23.35 25.30
CA TYR A 14 -3.53 22.34 24.92
C TYR A 14 -2.14 22.97 24.84
N CYS A 15 -1.13 22.21 25.27
CA CYS A 15 0.25 22.69 25.29
C CYS A 15 0.70 23.21 23.93
N GLY A 16 0.45 22.43 22.89
CA GLY A 16 0.87 22.77 21.54
C GLY A 16 0.01 23.82 20.87
N GLN A 17 -0.82 24.50 21.66
CA GLN A 17 -1.67 25.57 21.13
C GLN A 17 -1.53 26.83 21.97
N LEU A 18 -0.36 27.00 22.60
CA LEU A 18 -0.07 28.19 23.39
C LEU A 18 0.59 29.26 22.54
N ASN A 19 -0.23 30.18 22.03
CA ASN A 19 0.24 31.25 21.16
C ASN A 19 0.82 32.42 21.96
N GLU A 20 1.27 33.45 21.25
CA GLU A 20 1.80 34.64 21.90
C GLU A 20 0.67 35.49 22.47
N SER A 21 -0.51 35.37 21.87
CA SER A 21 -1.67 36.16 22.25
C SER A 21 -2.15 35.84 23.67
N LEU A 22 -1.77 34.65 24.14
CA LEU A 22 -2.19 34.19 25.47
C LEU A 22 -1.28 34.75 26.56
N ASP A 23 -0.40 35.67 26.20
CA ASP A 23 0.52 36.29 27.14
C ASP A 23 -0.23 37.00 28.26
N GLY A 24 0.23 36.81 29.50
CA GLY A 24 -0.41 37.40 30.66
C GLY A 24 -1.46 36.48 31.24
N GLN A 25 -2.29 35.92 30.37
CA GLN A 25 -3.32 34.97 30.77
C GLN A 25 -2.73 33.76 31.50
N GLU A 26 -3.48 33.22 32.44
CA GLU A 26 -3.06 32.00 33.13
C GLU A 26 -3.79 30.80 32.57
N VAL A 27 -3.10 29.67 32.53
CA VAL A 27 -3.61 28.47 31.85
C VAL A 27 -3.43 27.24 32.73
N THR A 28 -4.35 26.29 32.59
CA THR A 28 -4.22 24.98 33.22
C THR A 28 -4.19 23.89 32.14
N LEU A 29 -3.05 23.22 31.99
CA LEU A 29 -2.90 22.21 30.96
C LEU A 29 -2.54 20.85 31.55
N CYS A 30 -3.14 19.80 31.02
CA CYS A 30 -2.87 18.43 31.45
C CYS A 30 -2.14 17.67 30.34
N GLY A 31 -1.21 16.81 30.73
CA GLY A 31 -0.48 16.04 29.74
C GLY A 31 0.64 15.18 30.31
N TRP A 32 1.56 14.77 29.45
CA TRP A 32 2.66 13.93 29.88
C TRP A 32 3.94 14.75 30.04
N VAL A 33 4.85 14.26 30.86
CA VAL A 33 6.14 14.91 31.01
C VAL A 33 7.13 14.30 30.04
N HIS A 34 7.35 15.00 28.92
CA HIS A 34 8.24 14.50 27.86
C HIS A 34 9.66 14.33 28.38
N ARG A 35 10.31 15.46 28.69
CA ARG A 35 11.61 15.42 29.35
C ARG A 35 11.75 16.57 30.34
N ARG A 36 12.62 16.36 31.32
CA ARG A 36 12.82 17.30 32.42
C ARG A 36 14.28 17.70 32.55
N ARG A 37 14.53 19.00 32.69
CA ARG A 37 15.89 19.49 32.85
C ARG A 37 16.04 20.24 34.16
N ASP A 38 16.90 19.72 35.03
CA ASP A 38 17.06 20.25 36.39
C ASP A 38 18.35 21.05 36.55
N HIS A 39 18.21 22.35 36.81
CA HIS A 39 19.37 23.21 37.02
C HIS A 39 19.53 23.56 38.50
N GLY A 40 18.62 23.05 39.33
CA GLY A 40 18.67 23.30 40.75
C GLY A 40 17.85 24.49 41.18
N GLY A 41 18.26 25.68 40.76
CA GLY A 41 17.58 26.91 41.11
C GLY A 41 16.45 27.23 40.16
N VAL A 42 16.44 26.54 39.02
CA VAL A 42 15.37 26.67 38.05
C VAL A 42 15.10 25.30 37.42
N ILE A 43 13.85 24.85 37.47
CA ILE A 43 13.49 23.54 36.90
C ILE A 43 12.68 23.69 35.61
N PHE A 44 13.08 22.95 34.58
CA PHE A 44 12.39 23.01 33.29
C PHE A 44 11.61 21.73 33.00
N LEU A 45 10.37 21.90 32.55
CA LEU A 45 9.54 20.76 32.13
C LEU A 45 9.02 20.95 30.71
N ASP A 46 9.12 19.91 29.90
CA ASP A 46 8.50 19.93 28.59
C ASP A 46 7.26 19.06 28.58
N VAL A 47 6.09 19.70 28.70
CA VAL A 47 4.83 18.99 28.79
C VAL A 47 4.21 18.76 27.41
N ARG A 48 3.80 17.52 27.14
CA ARG A 48 3.31 17.12 25.84
C ARG A 48 1.85 16.65 25.87
N ASP A 49 1.07 17.10 24.88
CA ASP A 49 -0.25 16.53 24.62
C ASP A 49 -0.48 16.39 23.12
N ARG A 50 -1.72 16.08 22.74
CA ARG A 50 -2.07 15.78 21.35
C ARG A 50 -1.69 16.88 20.36
N GLU A 51 -1.53 18.11 20.85
CA GLU A 51 -1.26 19.24 19.97
C GLU A 51 0.22 19.62 19.94
N GLY A 52 1.00 19.06 20.86
CA GLY A 52 2.43 19.34 20.88
C GLY A 52 3.00 19.56 22.27
N LEU A 53 4.15 20.23 22.32
CA LEU A 53 4.86 20.44 23.57
C LEU A 53 4.92 21.91 23.97
N ALA A 54 4.97 22.14 25.27
CA ALA A 54 5.16 23.49 25.81
C ALA A 54 6.13 23.43 26.99
N GLN A 55 6.70 24.57 27.35
CA GLN A 55 7.70 24.60 28.41
C GLN A 55 7.18 25.28 29.67
N VAL A 56 7.32 24.58 30.79
CA VAL A 56 6.94 25.11 32.10
C VAL A 56 8.19 25.32 32.95
N VAL A 57 8.30 26.51 33.53
CA VAL A 57 9.48 26.87 34.32
C VAL A 57 9.14 26.98 35.80
N PHE A 58 10.05 26.53 36.66
CA PHE A 58 9.83 26.56 38.10
C PHE A 58 10.97 27.25 38.86
N ASP A 59 10.60 28.23 39.68
CA ASP A 59 11.53 28.88 40.62
C ASP A 59 11.13 28.51 42.04
N PRO A 60 12.11 28.42 42.95
CA PRO A 60 11.89 27.92 44.32
C PRO A 60 11.15 28.88 45.25
N ASP A 61 10.56 29.96 44.72
CA ASP A 61 9.80 30.89 45.54
C ASP A 61 8.53 30.22 46.08
N ARG A 62 8.10 29.17 45.39
CA ARG A 62 7.06 28.28 45.89
C ARG A 62 7.61 26.86 45.92
N ALA A 63 8.21 26.50 47.05
CA ALA A 63 9.02 25.30 47.15
C ALA A 63 8.21 24.01 47.14
N GLU A 64 6.90 24.12 47.34
CA GLU A 64 6.06 22.93 47.30
C GLU A 64 5.91 22.45 45.86
N THR A 65 5.57 23.39 44.97
CA THR A 65 5.48 23.09 43.55
C THR A 65 6.84 22.65 43.02
N PHE A 66 7.89 23.22 43.59
CA PHE A 66 9.26 22.84 43.26
C PHE A 66 9.53 21.40 43.68
N ALA A 67 8.99 21.01 44.83
CA ALA A 67 9.13 19.63 45.32
C ALA A 67 8.35 18.67 44.44
N LYS A 68 7.23 19.17 43.92
CA LYS A 68 6.42 18.39 42.98
C LYS A 68 6.99 18.50 41.57
N ALA A 69 8.08 19.23 41.41
CA ALA A 69 8.75 19.33 40.12
C ALA A 69 10.02 18.50 40.11
N ASP A 70 10.60 18.30 41.28
CA ASP A 70 11.84 17.55 41.39
C ASP A 70 11.58 16.04 41.38
N ARG A 71 10.44 15.63 41.93
CA ARG A 71 10.07 14.22 41.98
C ARG A 71 9.64 13.71 40.60
N VAL A 72 9.05 14.60 39.81
CA VAL A 72 8.54 14.27 38.49
C VAL A 72 9.62 13.76 37.53
N ARG A 73 9.36 12.62 36.89
CA ARG A 73 10.28 12.06 35.90
C ARG A 73 9.63 11.93 34.53
N SER A 74 10.15 11.03 33.70
CA SER A 74 9.71 10.90 32.31
C SER A 74 8.32 10.29 32.18
N GLU A 75 7.51 10.88 31.30
CA GLU A 75 6.19 10.37 30.94
C GLU A 75 5.19 10.34 32.11
N PHE A 76 5.48 11.11 33.16
CA PHE A 76 4.52 11.31 34.25
C PHE A 76 3.28 12.02 33.72
N VAL A 77 2.11 11.61 34.18
CA VAL A 77 0.87 12.27 33.78
C VAL A 77 0.52 13.35 34.79
N VAL A 78 0.69 14.61 34.37
CA VAL A 78 0.54 15.73 35.30
C VAL A 78 -0.43 16.81 34.81
N LYS A 79 -0.90 17.58 35.78
CA LYS A 79 -1.78 18.73 35.52
C LYS A 79 -1.13 19.98 36.09
N ILE A 80 -0.79 20.92 35.22
CA ILE A 80 -0.08 22.12 35.64
C ILE A 80 -0.90 23.38 35.42
N THR A 81 -1.02 24.19 36.48
CA THR A 81 -1.62 25.52 36.37
C THR A 81 -0.52 26.56 36.52
N GLY A 82 -0.48 27.51 35.60
CA GLY A 82 0.55 28.54 35.64
C GLY A 82 0.18 29.78 34.84
N LYS A 83 1.15 30.65 34.61
CA LYS A 83 0.91 31.84 33.80
C LYS A 83 1.75 31.83 32.52
N VAL A 84 1.13 32.23 31.42
CA VAL A 84 1.79 32.26 30.12
C VAL A 84 2.76 33.44 30.05
N ARG A 85 4.04 33.13 30.21
CA ARG A 85 5.10 34.14 30.19
C ARG A 85 5.77 34.20 28.83
N LEU A 86 5.80 35.40 28.24
CA LEU A 86 6.53 35.60 26.99
C LEU A 86 8.02 35.45 27.24
N ARG A 87 8.57 34.30 26.84
CA ARG A 87 9.95 33.95 27.16
C ARG A 87 10.94 34.87 26.43
N PRO A 88 12.13 35.07 27.02
CA PRO A 88 13.20 35.91 26.45
C PRO A 88 13.58 35.54 25.02
N GLU A 89 14.23 36.47 24.32
CA GLU A 89 14.55 36.31 22.91
C GLU A 89 15.65 35.28 22.66
N GLY A 90 16.57 35.14 23.61
CA GLY A 90 17.67 34.22 23.47
C GLY A 90 17.33 32.81 23.94
N ALA A 91 16.05 32.60 24.24
CA ALA A 91 15.60 31.32 24.78
C ALA A 91 14.50 30.69 23.93
N ARG A 92 14.15 31.35 22.83
CA ARG A 92 13.06 30.88 21.98
C ARG A 92 13.42 29.60 21.24
N ASN A 93 12.47 28.67 21.16
CA ASN A 93 12.70 27.37 20.53
C ASN A 93 12.00 27.26 19.18
N PRO A 94 12.78 27.05 18.11
CA PRO A 94 12.25 26.92 16.74
C PRO A 94 11.40 25.67 16.53
N ASN A 95 11.89 24.52 17.03
CA ASN A 95 11.21 23.25 16.84
C ASN A 95 9.83 23.20 17.50
N MET A 96 9.71 23.86 18.64
CA MET A 96 8.48 23.86 19.42
C MET A 96 7.51 24.92 18.90
N ALA A 97 6.29 24.50 18.57
CA ALA A 97 5.27 25.42 18.04
C ALA A 97 4.96 26.53 19.04
N SER A 98 5.00 26.19 20.33
CA SER A 98 4.85 27.17 21.40
C SER A 98 6.21 27.47 22.01
N GLY A 99 7.22 27.56 21.14
CA GLY A 99 8.59 27.73 21.59
C GLY A 99 9.00 29.16 21.82
N SER A 100 8.13 30.10 21.45
CA SER A 100 8.37 31.52 21.71
C SER A 100 7.64 31.92 22.99
N ILE A 101 7.21 30.93 23.75
CA ILE A 101 6.43 31.17 24.96
C ILE A 101 6.77 30.17 26.05
N GLU A 102 6.47 30.53 27.29
CA GLU A 102 6.70 29.68 28.44
C GLU A 102 5.52 29.72 29.39
N VAL A 103 5.57 28.90 30.43
CA VAL A 103 4.57 28.92 31.48
C VAL A 103 5.23 28.83 32.84
N LEU A 104 5.11 29.89 33.64
CA LEU A 104 5.61 29.84 35.00
C LEU A 104 4.62 29.04 35.85
N GLY A 105 5.12 27.96 36.44
CA GLY A 105 4.27 27.01 37.13
C GLY A 105 3.81 27.45 38.51
N TYR A 106 2.55 27.83 38.61
CA TYR A 106 1.94 28.20 39.88
C TYR A 106 1.74 26.96 40.75
N GLU A 107 0.99 25.98 40.25
CA GLU A 107 0.78 24.73 40.97
C GLU A 107 0.82 23.51 40.05
N LEU A 108 1.49 22.46 40.51
CA LEU A 108 1.60 21.21 39.76
C LEU A 108 0.96 20.07 40.53
N GLU A 109 0.39 19.11 39.81
CA GLU A 109 -0.16 17.92 40.44
C GLU A 109 0.12 16.69 39.59
N VAL A 110 0.66 15.64 40.22
CA VAL A 110 0.92 14.39 39.50
C VAL A 110 -0.34 13.54 39.48
N LEU A 111 -1.08 13.61 38.37
CA LEU A 111 -2.30 12.82 38.20
C LEU A 111 -1.99 11.33 38.25
N ASN A 112 -0.84 10.95 37.69
CA ASN A 112 -0.40 9.56 37.75
C ASN A 112 1.11 9.45 37.50
N GLN A 113 1.76 8.55 38.23
CA GLN A 113 3.19 8.33 38.07
C GLN A 113 3.46 7.38 36.92
N ALA A 114 4.72 7.35 36.47
CA ALA A 114 5.08 6.55 35.31
C ALA A 114 6.45 5.88 35.46
N GLU A 115 6.49 4.59 35.16
CA GLU A 115 7.75 3.86 35.16
C GLU A 115 8.55 4.28 33.92
N THR A 116 9.86 4.08 33.96
CA THR A 116 10.74 4.50 32.87
C THR A 116 10.41 3.80 31.56
N PRO A 117 10.07 4.58 30.52
CA PRO A 117 9.71 4.05 29.20
C PRO A 117 10.83 3.21 28.58
N PRO A 118 10.54 1.95 28.24
CA PRO A 118 11.50 0.97 27.69
C PRO A 118 12.41 1.56 26.62
N PHE A 119 11.82 2.25 25.65
CA PHE A 119 12.61 2.98 24.67
C PHE A 119 12.34 4.47 24.83
N PRO A 120 13.34 5.30 24.49
CA PRO A 120 13.18 6.75 24.59
C PRO A 120 12.29 7.30 23.48
N LEU A 121 11.57 8.38 23.77
CA LEU A 121 10.75 9.05 22.77
C LEU A 121 11.56 10.20 22.15
N ASP A 122 12.86 10.00 22.05
CA ASP A 122 13.80 11.06 21.71
C ASP A 122 14.06 11.18 20.21
N GLU A 123 14.69 12.28 19.83
CA GLU A 123 15.13 12.52 18.46
C GLU A 123 16.12 11.47 18.00
N TYR A 124 15.77 10.77 16.92
CA TYR A 124 16.65 9.80 16.28
C TYR A 124 17.17 8.72 17.22
N SER A 125 16.25 7.90 17.73
CA SER A 125 16.63 6.71 18.46
C SER A 125 16.17 5.50 17.64
N ASP A 126 17.13 4.73 17.15
CA ASP A 126 16.83 3.71 16.14
C ASP A 126 16.18 2.45 16.72
N VAL A 127 15.15 2.63 17.54
CA VAL A 127 14.22 1.54 17.81
C VAL A 127 13.59 1.26 16.46
N GLY A 128 13.38 -0.01 16.10
CA GLY A 128 13.46 -1.13 17.01
C GLY A 128 12.04 -1.66 17.01
N GLU A 129 11.59 -2.09 15.85
CA GLU A 129 10.16 -2.27 15.59
C GLU A 129 9.48 -3.31 16.47
N GLU A 130 10.19 -4.37 16.83
CA GLU A 130 9.60 -5.38 17.70
C GLU A 130 9.28 -4.77 19.06
N THR A 131 10.18 -3.92 19.54
CA THR A 131 10.00 -3.22 20.81
C THR A 131 8.91 -2.15 20.69
N ARG A 132 8.83 -1.51 19.52
CA ARG A 132 7.83 -0.49 19.30
C ARG A 132 6.43 -1.11 19.23
N LEU A 133 6.37 -2.35 18.78
CA LEU A 133 5.10 -3.06 18.67
C LEU A 133 4.69 -3.67 20.00
N ARG A 134 5.66 -4.15 20.76
CA ARG A 134 5.38 -4.73 22.07
C ARG A 134 4.86 -3.66 23.03
N TYR A 135 5.32 -2.43 22.85
CA TYR A 135 4.85 -1.30 23.65
C TYR A 135 4.25 -0.24 22.75
N ARG A 136 3.31 -0.65 21.90
CA ARG A 136 2.69 0.22 20.92
C ARG A 136 1.96 1.40 21.56
N PHE A 137 1.57 1.24 22.82
CA PHE A 137 0.81 2.27 23.53
C PHE A 137 1.67 3.46 23.95
N ILE A 138 2.98 3.29 23.94
CA ILE A 138 3.87 4.43 24.18
C ILE A 138 4.60 4.78 22.90
N ASP A 139 4.54 3.89 21.91
CA ASP A 139 5.12 4.18 20.62
C ASP A 139 4.28 5.21 19.88
N LEU A 140 2.96 5.15 20.09
CA LEU A 140 2.05 6.09 19.44
C LEU A 140 2.07 7.45 20.13
N ARG A 141 2.80 7.55 21.25
CA ARG A 141 2.98 8.82 21.91
C ARG A 141 3.87 9.73 21.06
N ARG A 142 4.81 9.09 20.36
CA ARG A 142 5.70 9.78 19.44
C ARG A 142 4.89 10.60 18.44
N PRO A 143 5.19 11.90 18.35
CA PRO A 143 4.47 12.85 17.49
C PRO A 143 4.33 12.39 16.03
N GLU A 144 5.30 11.63 15.54
CA GLU A 144 5.27 11.15 14.17
C GLU A 144 4.14 10.16 13.93
N MET A 145 4.09 9.12 14.75
CA MET A 145 3.03 8.12 14.69
C MET A 145 1.66 8.76 14.87
N ALA A 146 1.55 9.63 15.87
CA ALA A 146 0.32 10.33 16.15
C ALA A 146 -0.12 11.13 14.93
N ALA A 147 0.84 11.78 14.28
CA ALA A 147 0.55 12.58 13.09
C ALA A 147 0.06 11.70 11.95
N LYS A 148 0.66 10.51 11.83
CA LYS A 148 0.21 9.56 10.81
C LYS A 148 -1.23 9.15 11.04
N LEU A 149 -1.56 8.75 12.28
CA LEU A 149 -2.92 8.31 12.58
C LEU A 149 -3.95 9.42 12.43
N LYS A 150 -3.62 10.61 12.93
CA LYS A 150 -4.50 11.77 12.77
C LYS A 150 -4.70 12.05 11.28
N LEU A 151 -3.65 11.84 10.50
CA LEU A 151 -3.74 12.03 9.06
C LEU A 151 -4.68 11.01 8.44
N ARG A 152 -4.58 9.75 8.87
CA ARG A 152 -5.46 8.70 8.36
C ARG A 152 -6.92 9.07 8.64
N ALA A 153 -7.19 9.49 9.87
CA ALA A 153 -8.53 9.90 10.26
C ALA A 153 -9.02 11.05 9.41
N ARG A 154 -8.15 12.03 9.16
CA ARG A 154 -8.48 13.18 8.33
C ARG A 154 -8.82 12.75 6.89
N ILE A 155 -8.05 11.78 6.40
CA ILE A 155 -8.26 11.21 5.06
C ILE A 155 -9.63 10.56 4.95
N THR A 156 -9.91 9.60 5.84
CA THR A 156 -11.21 8.92 5.82
C THR A 156 -12.34 9.92 6.00
N SER A 157 -12.08 10.97 6.78
CA SER A 157 -13.04 12.05 6.94
C SER A 157 -13.37 12.68 5.59
N SER A 158 -12.32 13.06 4.85
CA SER A 158 -12.48 13.67 3.54
C SER A 158 -13.20 12.77 2.54
N ILE A 159 -12.80 11.50 2.51
CA ILE A 159 -13.39 10.53 1.60
C ILE A 159 -14.87 10.32 1.89
N ARG A 160 -15.18 10.11 3.17
CA ARG A 160 -16.56 9.97 3.60
C ARG A 160 -17.39 11.18 3.22
N ARG A 161 -16.82 12.37 3.42
CA ARG A 161 -17.49 13.62 3.07
C ARG A 161 -17.79 13.67 1.57
N TYR A 162 -16.79 13.37 0.75
CA TYR A 162 -16.97 13.36 -0.70
C TYR A 162 -18.07 12.40 -1.13
N LEU A 163 -17.91 11.12 -0.77
CA LEU A 163 -18.85 10.09 -1.17
C LEU A 163 -20.26 10.36 -0.67
N ASP A 164 -20.39 10.92 0.52
CA ASP A 164 -21.69 11.31 1.04
C ASP A 164 -22.28 12.43 0.19
N ASP A 165 -21.44 13.38 -0.23
CA ASP A 165 -21.91 14.51 -1.03
C ASP A 165 -22.35 14.12 -2.44
N ASN A 166 -21.97 12.92 -2.89
CA ASN A 166 -22.29 12.47 -4.24
C ASN A 166 -23.34 11.36 -4.28
N GLY A 167 -24.15 11.28 -3.23
CA GLY A 167 -25.28 10.36 -3.23
C GLY A 167 -24.93 8.90 -3.04
N PHE A 168 -23.86 8.64 -2.29
CA PHE A 168 -23.50 7.27 -1.95
C PHE A 168 -24.02 6.93 -0.56
N LEU A 169 -24.32 5.64 -0.34
CA LEU A 169 -24.93 5.21 0.91
C LEU A 169 -23.98 4.38 1.76
N ASP A 170 -23.69 4.88 2.97
CA ASP A 170 -22.83 4.16 3.89
C ASP A 170 -23.58 2.95 4.46
N VAL A 171 -23.44 1.81 3.80
CA VAL A 171 -24.14 0.59 4.20
C VAL A 171 -23.17 -0.44 4.73
N GLU A 172 -23.54 -1.10 5.83
CA GLU A 172 -22.67 -2.10 6.44
C GLU A 172 -23.00 -3.50 5.93
N THR A 173 -21.97 -4.23 5.56
CA THR A 173 -22.11 -5.63 5.14
C THR A 173 -21.57 -6.54 6.22
N PRO A 174 -22.16 -7.74 6.36
CA PRO A 174 -21.74 -8.67 7.42
C PRO A 174 -20.32 -9.19 7.25
N ILE A 175 -19.67 -9.50 8.37
CA ILE A 175 -18.34 -10.09 8.35
C ILE A 175 -18.44 -11.61 8.33
N LEU A 176 -19.27 -12.17 9.20
CA LEU A 176 -19.47 -13.61 9.25
C LEU A 176 -20.25 -14.09 8.02
N GLY A 177 -19.55 -14.68 7.05
CA GLY A 177 -20.18 -15.12 5.82
C GLY A 177 -19.91 -16.59 5.49
N ARG A 178 -20.22 -16.98 4.25
CA ARG A 178 -20.04 -18.37 3.82
C ARG A 178 -18.64 -18.63 3.29
N PRO A 179 -18.04 -19.76 3.68
CA PRO A 179 -16.72 -20.17 3.18
C PRO A 179 -16.79 -20.75 1.77
N THR A 180 -15.94 -20.21 0.89
CA THR A 180 -15.83 -20.72 -0.46
C THR A 180 -14.37 -20.87 -0.84
N PRO A 181 -14.05 -21.89 -1.65
CA PRO A 181 -12.67 -22.18 -1.98
C PRO A 181 -12.27 -21.71 -3.38
N GLU A 182 -12.58 -20.48 -3.79
CA GLU A 182 -12.08 -19.95 -5.06
C GLU A 182 -11.16 -18.75 -4.86
N GLY A 183 -11.57 -17.79 -4.04
CA GLY A 183 -10.75 -16.61 -3.80
C GLY A 183 -9.54 -16.89 -2.92
N ALA A 184 -9.05 -15.87 -2.24
CA ALA A 184 -7.94 -16.01 -1.31
C ALA A 184 -8.33 -16.88 -0.11
N ARG A 185 -7.33 -17.33 0.64
CA ARG A 185 -7.57 -18.17 1.82
C ARG A 185 -8.42 -17.44 2.85
N ASP A 186 -9.55 -18.03 3.19
CA ASP A 186 -10.48 -17.41 4.12
C ASP A 186 -10.16 -17.78 5.57
N TYR A 187 -10.24 -16.81 6.46
CA TYR A 187 -10.20 -17.09 7.89
C TYR A 187 -11.51 -17.76 8.28
N LEU A 188 -11.43 -18.87 9.01
CA LEU A 188 -12.63 -19.62 9.35
C LEU A 188 -13.07 -19.41 10.80
N VAL A 189 -14.38 -19.50 11.04
CA VAL A 189 -14.93 -19.36 12.38
C VAL A 189 -15.90 -20.50 12.69
N PRO A 190 -15.49 -21.43 13.57
CA PRO A 190 -16.34 -22.57 13.93
C PRO A 190 -17.70 -22.15 14.47
N SER A 191 -18.75 -22.83 14.01
CA SER A 191 -20.12 -22.49 14.43
C SER A 191 -20.59 -23.34 15.59
N ARG A 192 -20.95 -22.67 16.68
CA ARG A 192 -21.43 -23.35 17.88
C ARG A 192 -22.79 -24.02 17.63
N THR A 193 -23.60 -23.39 16.77
CA THR A 193 -24.96 -23.85 16.52
C THR A 193 -25.06 -24.82 15.34
N TYR A 194 -24.12 -24.71 14.40
CA TYR A 194 -24.08 -25.60 13.24
C TYR A 194 -22.78 -26.40 13.22
N PRO A 195 -22.72 -27.49 13.99
CA PRO A 195 -21.49 -28.29 14.12
C PRO A 195 -21.00 -28.82 12.78
N GLY A 196 -19.72 -28.63 12.50
CA GLY A 196 -19.13 -29.09 11.26
C GLY A 196 -19.14 -28.01 10.18
N HIS A 197 -19.83 -26.91 10.47
CA HIS A 197 -19.89 -25.81 9.52
C HIS A 197 -19.09 -24.62 10.04
N PHE A 198 -18.69 -23.73 9.12
CA PHE A 198 -17.85 -22.61 9.48
C PHE A 198 -18.33 -21.31 8.84
N PHE A 199 -18.09 -20.20 9.53
CA PHE A 199 -18.21 -18.88 8.92
C PHE A 199 -16.88 -18.54 8.29
N ALA A 200 -16.87 -17.53 7.44
CA ALA A 200 -15.62 -17.08 6.84
C ALA A 200 -15.58 -15.56 6.75
N LEU A 201 -14.45 -15.00 7.15
CA LEU A 201 -14.25 -13.56 7.06
C LEU A 201 -14.09 -13.15 5.59
N PRO A 202 -14.72 -12.04 5.21
CA PRO A 202 -14.76 -11.61 3.81
C PRO A 202 -13.45 -10.99 3.33
N GLN A 203 -13.09 -11.27 2.08
CA GLN A 203 -11.94 -10.61 1.47
C GLN A 203 -12.37 -9.26 0.95
N SER A 204 -13.67 -9.13 0.68
CA SER A 204 -14.27 -7.91 0.16
C SER A 204 -15.78 -8.07 0.18
N PRO A 205 -16.51 -6.98 0.43
CA PRO A 205 -17.98 -7.01 0.42
C PRO A 205 -18.55 -7.11 -0.99
N GLN A 206 -17.90 -7.90 -1.85
CA GLN A 206 -18.21 -7.91 -3.28
C GLN A 206 -19.64 -8.35 -3.60
N LEU A 207 -19.95 -9.60 -3.28
CA LEU A 207 -21.28 -10.13 -3.55
C LEU A 207 -22.35 -9.26 -2.90
N PHE A 208 -22.09 -8.82 -1.67
CA PHE A 208 -23.04 -7.99 -0.94
C PHE A 208 -23.28 -6.65 -1.62
N LYS A 209 -22.22 -6.03 -2.11
CA LYS A 209 -22.35 -4.73 -2.77
C LYS A 209 -23.14 -4.90 -4.07
N GLN A 210 -22.91 -6.02 -4.76
CA GLN A 210 -23.66 -6.29 -5.97
C GLN A 210 -25.14 -6.49 -5.66
N LEU A 211 -25.42 -7.22 -4.59
CA LEU A 211 -26.81 -7.41 -4.14
C LEU A 211 -27.45 -6.07 -3.81
N LEU A 212 -26.68 -5.17 -3.20
CA LEU A 212 -27.17 -3.84 -2.88
C LEU A 212 -27.44 -3.03 -4.13
N MET A 213 -26.76 -3.36 -5.23
CA MET A 213 -27.08 -2.75 -6.51
C MET A 213 -28.37 -3.31 -7.11
N VAL A 214 -28.55 -4.62 -6.98
CA VAL A 214 -29.80 -5.28 -7.37
C VAL A 214 -30.95 -4.79 -6.51
N ALA A 215 -30.64 -4.42 -5.27
CA ALA A 215 -31.64 -4.01 -4.30
C ALA A 215 -32.21 -2.63 -4.59
N GLY A 216 -31.61 -1.92 -5.54
CA GLY A 216 -32.15 -0.63 -5.96
C GLY A 216 -31.41 0.59 -5.43
N PHE A 217 -30.56 0.40 -4.43
CA PHE A 217 -29.70 1.49 -3.96
C PHE A 217 -28.78 1.88 -5.10
N ASP A 218 -28.92 3.12 -5.57
CA ASP A 218 -28.23 3.54 -6.78
C ASP A 218 -26.71 3.59 -6.58
N ARG A 219 -26.28 4.13 -5.44
CA ARG A 219 -24.85 4.28 -5.17
C ARG A 219 -24.50 3.89 -3.73
N TYR A 220 -23.57 2.96 -3.60
CA TYR A 220 -23.17 2.45 -2.30
C TYR A 220 -21.68 2.65 -2.03
N TYR A 221 -21.34 2.93 -0.78
CA TYR A 221 -19.95 2.96 -0.36
C TYR A 221 -19.83 2.45 1.07
N GLN A 222 -18.65 1.95 1.42
CA GLN A 222 -18.42 1.44 2.77
C GLN A 222 -16.94 1.33 3.07
N ILE A 223 -16.49 1.88 4.19
CA ILE A 223 -15.11 1.68 4.60
C ILE A 223 -15.04 0.43 5.47
N ALA A 224 -14.81 -0.71 4.83
CA ALA A 224 -15.03 -2.02 5.43
C ALA A 224 -13.76 -2.80 5.78
N LYS A 225 -13.84 -3.60 6.83
CA LYS A 225 -12.74 -4.50 7.21
C LYS A 225 -12.71 -5.73 6.32
N CYS A 226 -11.51 -6.10 5.85
CA CYS A 226 -11.34 -7.25 4.98
C CYS A 226 -10.22 -8.17 5.48
N PHE A 227 -10.37 -9.47 5.22
CA PHE A 227 -9.50 -10.47 5.81
C PHE A 227 -9.01 -11.53 4.82
N ARG A 228 -7.68 -11.64 4.70
CA ARG A 228 -7.07 -12.65 3.86
C ARG A 228 -6.04 -13.47 4.66
N ASP A 229 -6.21 -14.79 4.67
CA ASP A 229 -5.33 -15.67 5.42
C ASP A 229 -4.07 -15.99 4.61
N GLU A 230 -3.55 -14.99 3.92
CA GLU A 230 -2.33 -15.13 3.14
C GLU A 230 -1.15 -14.56 3.92
N ASP A 231 0.06 -14.96 3.55
CA ASP A 231 1.25 -14.47 4.23
C ASP A 231 1.43 -12.98 3.97
N LEU A 232 2.26 -12.33 4.77
CA LEU A 232 2.36 -10.88 4.72
C LEU A 232 3.53 -10.38 3.88
N ARG A 233 3.52 -9.07 3.65
CA ARG A 233 4.64 -8.36 3.06
C ARG A 233 4.63 -6.93 3.57
N ALA A 234 5.55 -6.11 3.07
CA ALA A 234 5.70 -4.74 3.54
C ALA A 234 4.40 -3.93 3.41
N ASP A 235 3.64 -4.22 2.36
CA ASP A 235 2.41 -3.49 2.09
C ASP A 235 1.18 -4.42 2.12
N ARG A 236 1.31 -5.55 2.81
CA ARG A 236 0.25 -6.53 2.86
C ARG A 236 0.01 -7.03 4.28
N GLN A 237 -1.21 -6.87 4.76
CA GLN A 237 -1.59 -7.35 6.09
C GLN A 237 -2.71 -8.39 5.96
N PRO A 238 -2.85 -9.26 6.96
CA PRO A 238 -3.94 -10.23 6.90
C PRO A 238 -5.28 -9.56 7.14
N GLU A 239 -5.26 -8.47 7.90
CA GLU A 239 -6.45 -7.70 8.18
C GLU A 239 -6.24 -6.29 7.67
N PHE A 240 -6.99 -5.92 6.64
CA PHE A 240 -6.78 -4.63 5.98
C PHE A 240 -8.10 -3.92 5.74
N THR A 241 -8.08 -2.60 5.88
CA THR A 241 -9.29 -1.78 5.69
C THR A 241 -9.37 -1.30 4.25
N GLN A 242 -10.56 -1.42 3.66
CA GLN A 242 -10.74 -1.15 2.24
C GLN A 242 -11.93 -0.21 1.99
N ILE A 243 -11.75 0.73 1.08
CA ILE A 243 -12.80 1.66 0.69
C ILE A 243 -13.61 1.11 -0.48
N ASP A 244 -14.75 0.52 -0.13
CA ASP A 244 -15.64 -0.14 -1.09
C ASP A 244 -16.57 0.86 -1.75
N ILE A 245 -16.74 0.74 -3.06
CA ILE A 245 -17.64 1.59 -3.83
C ILE A 245 -18.33 0.80 -4.94
N GLU A 246 -19.64 0.97 -5.08
CA GLU A 246 -20.36 0.30 -6.15
C GLU A 246 -21.52 1.18 -6.67
N THR A 247 -21.70 1.23 -7.99
CA THR A 247 -22.74 2.05 -8.60
C THR A 247 -23.56 1.30 -9.63
N SER A 248 -24.73 1.84 -9.94
CA SER A 248 -25.61 1.29 -10.98
C SER A 248 -25.77 2.27 -12.14
N PHE A 249 -26.04 1.74 -13.33
CA PHE A 249 -26.29 2.52 -14.53
C PHE A 249 -25.14 3.48 -14.87
N LEU A 250 -23.90 3.00 -14.74
CA LEU A 250 -22.71 3.78 -15.10
C LEU A 250 -21.69 2.92 -15.83
N ASP A 251 -21.02 3.51 -16.83
CA ASP A 251 -19.95 2.79 -17.54
C ASP A 251 -18.61 3.04 -16.88
N GLU A 252 -17.54 2.48 -17.45
CA GLU A 252 -16.22 2.60 -16.85
C GLU A 252 -15.71 4.04 -16.84
N SER A 253 -16.07 4.81 -17.85
CA SER A 253 -15.63 6.21 -17.94
C SER A 253 -16.20 7.04 -16.79
N ASP A 254 -17.48 6.83 -16.49
CA ASP A 254 -18.15 7.54 -15.40
C ASP A 254 -17.50 7.19 -14.07
N ILE A 255 -17.27 5.89 -13.87
CA ILE A 255 -16.72 5.39 -12.62
C ILE A 255 -15.30 5.89 -12.38
N ILE A 256 -14.44 5.77 -13.40
CA ILE A 256 -13.07 6.26 -13.27
C ILE A 256 -13.10 7.77 -13.08
N GLY A 257 -14.09 8.44 -13.67
CA GLY A 257 -14.27 9.86 -13.47
C GLY A 257 -14.53 10.21 -12.02
N ILE A 258 -15.53 9.56 -11.42
CA ILE A 258 -15.91 9.84 -10.03
C ILE A 258 -14.78 9.53 -9.06
N THR A 259 -14.20 8.35 -9.20
CA THR A 259 -13.13 7.92 -8.30
C THR A 259 -11.89 8.81 -8.41
N GLU A 260 -11.50 9.16 -9.64
CA GLU A 260 -10.38 10.05 -9.84
C GLU A 260 -10.67 11.41 -9.21
N LYS A 261 -11.88 11.92 -9.43
CA LYS A 261 -12.31 13.20 -8.85
C LYS A 261 -12.16 13.16 -7.33
N MET A 262 -12.60 12.05 -6.73
CA MET A 262 -12.47 11.85 -5.29
C MET A 262 -11.02 11.92 -4.85
N VAL A 263 -10.15 11.17 -5.51
CA VAL A 263 -8.73 11.15 -5.13
C VAL A 263 -8.10 12.53 -5.26
N ARG A 264 -8.45 13.27 -6.30
CA ARG A 264 -7.96 14.63 -6.49
C ARG A 264 -8.39 15.53 -5.35
N GLN A 265 -9.68 15.53 -5.06
CA GLN A 265 -10.24 16.34 -3.99
C GLN A 265 -9.60 16.00 -2.64
N LEU A 266 -9.40 14.70 -2.42
CA LEU A 266 -8.77 14.20 -1.20
C LEU A 266 -7.34 14.69 -1.06
N PHE A 267 -6.58 14.63 -2.15
CA PHE A 267 -5.18 15.07 -2.13
C PHE A 267 -5.09 16.59 -1.98
N LYS A 268 -6.13 17.30 -2.40
CA LYS A 268 -6.11 18.75 -2.27
C LYS A 268 -6.57 19.20 -0.88
N GLU A 269 -7.45 18.42 -0.26
CA GLU A 269 -7.93 18.74 1.09
C GLU A 269 -6.85 18.52 2.13
N VAL A 270 -6.06 17.46 1.95
CA VAL A 270 -5.08 17.04 2.93
C VAL A 270 -3.68 17.56 2.63
N LEU A 271 -3.06 17.02 1.59
CA LEU A 271 -1.69 17.39 1.25
C LEU A 271 -1.62 18.65 0.39
N ASP A 272 -2.77 19.05 -0.14
CA ASP A 272 -2.86 20.19 -1.04
C ASP A 272 -1.90 20.03 -2.23
N VAL A 273 -2.15 18.99 -3.03
CA VAL A 273 -1.39 18.78 -4.26
C VAL A 273 -2.36 18.54 -5.41
N GLU A 274 -1.88 18.73 -6.63
CA GLU A 274 -2.69 18.50 -7.83
C GLU A 274 -1.95 17.56 -8.78
N PHE A 275 -2.71 16.83 -9.59
CA PHE A 275 -2.16 15.68 -10.30
C PHE A 275 -2.07 15.81 -11.82
N ASP A 276 -2.26 17.02 -12.33
CA ASP A 276 -2.32 17.23 -13.79
C ASP A 276 -3.43 16.34 -14.36
N GLU A 277 -3.03 15.29 -15.08
CA GLU A 277 -4.01 14.33 -15.60
C GLU A 277 -3.54 12.89 -15.38
N PHE A 278 -4.50 11.97 -15.34
CA PHE A 278 -4.18 10.56 -15.18
C PHE A 278 -4.08 9.90 -16.55
N PRO A 279 -2.87 9.45 -16.93
CA PRO A 279 -2.70 8.73 -18.18
C PRO A 279 -3.37 7.36 -18.15
N HIS A 280 -4.18 7.05 -19.15
CA HIS A 280 -4.76 5.72 -19.30
C HIS A 280 -3.83 4.83 -20.08
N MET A 281 -3.23 3.84 -19.42
CA MET A 281 -2.29 2.94 -20.10
C MET A 281 -2.85 1.53 -20.19
N PRO A 282 -2.89 0.98 -21.41
CA PRO A 282 -3.34 -0.40 -21.61
C PRO A 282 -2.44 -1.40 -20.91
N PHE A 283 -3.00 -2.55 -20.55
CA PHE A 283 -2.26 -3.61 -19.89
C PHE A 283 -1.08 -4.06 -20.76
N GLU A 284 -1.34 -4.24 -22.05
CA GLU A 284 -0.32 -4.68 -22.98
C GLU A 284 0.88 -3.75 -23.02
N GLU A 285 0.61 -2.45 -23.09
CA GLU A 285 1.69 -1.46 -23.13
C GLU A 285 2.49 -1.44 -21.83
N ALA A 286 1.77 -1.41 -20.71
CA ALA A 286 2.39 -1.42 -19.39
C ALA A 286 3.31 -2.62 -19.23
N MET A 287 2.89 -3.76 -19.74
CA MET A 287 3.71 -4.97 -19.69
C MET A 287 4.86 -4.92 -20.68
N ARG A 288 4.66 -4.22 -21.79
CA ARG A 288 5.67 -4.14 -22.83
C ARG A 288 6.85 -3.28 -22.42
N ARG A 289 6.58 -2.10 -21.90
CA ARG A 289 7.64 -1.12 -21.67
C ARG A 289 7.92 -0.82 -20.19
N TYR A 290 7.34 -1.61 -19.29
CA TYR A 290 7.59 -1.45 -17.87
C TYR A 290 7.65 -2.81 -17.17
N GLY A 291 7.06 -3.81 -17.80
CA GLY A 291 7.00 -5.15 -17.23
C GLY A 291 6.26 -5.19 -15.92
N SER A 292 5.19 -4.41 -15.81
CA SER A 292 4.40 -4.39 -14.58
C SER A 292 2.98 -3.88 -14.84
N ASP A 293 2.01 -4.48 -14.16
CA ASP A 293 0.63 -4.05 -14.25
C ASP A 293 0.40 -2.81 -13.39
N LYS A 294 1.43 -2.41 -12.66
CA LYS A 294 1.39 -1.20 -11.86
C LYS A 294 2.68 -0.40 -12.03
N PRO A 295 2.82 0.28 -13.19
CA PRO A 295 4.05 1.02 -13.51
C PRO A 295 4.37 2.15 -12.54
N ASP A 296 5.65 2.27 -12.18
CA ASP A 296 6.12 3.42 -11.42
C ASP A 296 6.63 4.47 -12.40
N LEU A 297 5.78 5.43 -12.74
CA LEU A 297 6.10 6.41 -13.78
C LEU A 297 7.05 7.50 -13.29
N ARG A 298 7.61 7.31 -12.09
CA ARG A 298 8.63 8.21 -11.59
C ARG A 298 10.01 7.78 -12.10
N ILE A 299 10.07 6.57 -12.63
CA ILE A 299 11.31 6.03 -13.15
C ILE A 299 11.29 6.04 -14.67
N PRO A 300 12.16 6.85 -15.29
CA PRO A 300 12.22 7.02 -16.75
C PRO A 300 12.76 5.79 -17.46
N LEU A 301 13.44 4.91 -16.74
CA LEU A 301 13.94 3.66 -17.30
C LEU A 301 12.81 2.84 -17.91
N GLU A 302 13.08 2.26 -19.08
CA GLU A 302 12.04 1.62 -19.86
C GLU A 302 12.56 0.37 -20.56
N LEU A 303 11.74 -0.68 -20.58
CA LEU A 303 12.05 -1.90 -21.31
C LEU A 303 11.82 -1.68 -22.80
N VAL A 304 12.75 -2.14 -23.64
CA VAL A 304 12.57 -1.99 -25.08
C VAL A 304 12.78 -3.32 -25.81
N ASP A 305 11.76 -3.73 -26.56
CA ASP A 305 11.85 -4.97 -27.34
C ASP A 305 12.92 -4.84 -28.42
N VAL A 306 13.70 -5.90 -28.58
CA VAL A 306 14.87 -5.84 -29.45
C VAL A 306 15.12 -7.20 -30.10
N ALA A 307 14.23 -8.15 -29.84
CA ALA A 307 14.36 -9.52 -30.34
C ALA A 307 14.34 -9.60 -31.85
N ASP A 308 13.80 -8.58 -32.50
CA ASP A 308 13.68 -8.55 -33.95
C ASP A 308 15.04 -8.48 -34.62
N GLN A 309 16.05 -8.07 -33.87
CA GLN A 309 17.40 -7.91 -34.41
C GLN A 309 18.31 -9.07 -34.00
N LEU A 310 17.73 -10.05 -33.32
CA LEU A 310 18.51 -11.14 -32.74
C LEU A 310 18.04 -12.50 -33.25
N LYS A 311 17.38 -12.50 -34.39
CA LYS A 311 16.84 -13.74 -34.95
C LYS A 311 17.98 -14.69 -35.33
N GLU A 312 18.76 -14.31 -36.34
CA GLU A 312 19.88 -15.12 -36.79
C GLU A 312 21.20 -14.63 -36.20
N VAL A 313 21.31 -14.71 -34.88
CA VAL A 313 22.53 -14.32 -34.19
C VAL A 313 23.21 -15.56 -33.62
N GLU A 314 24.54 -15.50 -33.49
CA GLU A 314 25.31 -16.65 -33.02
C GLU A 314 25.00 -16.99 -31.56
N PHE A 315 24.78 -15.96 -30.75
CA PHE A 315 24.41 -16.15 -29.36
C PHE A 315 23.07 -16.88 -29.27
N LYS A 316 23.03 -17.97 -28.52
CA LYS A 316 21.85 -18.84 -28.53
C LYS A 316 20.82 -18.54 -27.43
N VAL A 317 21.25 -17.92 -26.35
CA VAL A 317 20.32 -17.59 -25.28
C VAL A 317 19.48 -16.38 -25.68
N PHE A 318 19.92 -15.69 -26.73
CA PHE A 318 19.16 -14.59 -27.31
C PHE A 318 18.25 -15.08 -28.44
N SER A 319 18.85 -15.68 -29.45
CA SER A 319 18.12 -16.16 -30.63
C SER A 319 17.16 -17.31 -30.28
N GLY A 320 17.36 -17.91 -29.11
CA GLY A 320 16.44 -18.92 -28.61
C GLY A 320 15.02 -18.39 -28.50
N PRO A 321 14.78 -17.50 -27.52
CA PRO A 321 13.48 -16.87 -27.32
C PRO A 321 13.13 -15.82 -28.39
N ALA A 322 14.14 -15.33 -29.10
CA ALA A 322 13.90 -14.35 -30.16
C ALA A 322 13.10 -14.95 -31.29
N ASN A 323 13.24 -16.25 -31.49
CA ASN A 323 12.46 -16.95 -32.51
C ASN A 323 11.28 -17.69 -31.87
N ASP A 324 11.28 -17.74 -30.54
CA ASP A 324 10.16 -18.33 -29.81
C ASP A 324 9.07 -17.29 -29.61
N PRO A 325 7.89 -17.52 -30.21
CA PRO A 325 6.77 -16.58 -30.12
C PRO A 325 6.23 -16.41 -28.71
N LYS A 326 6.44 -17.41 -27.85
CA LYS A 326 5.93 -17.36 -26.48
C LYS A 326 6.83 -16.53 -25.56
N GLY A 327 8.00 -16.14 -26.05
CA GLY A 327 8.93 -15.37 -25.25
C GLY A 327 9.46 -14.16 -25.97
N ARG A 328 10.31 -13.38 -25.29
CA ARG A 328 10.90 -12.22 -25.92
C ARG A 328 12.28 -11.87 -25.37
N VAL A 329 12.89 -10.88 -26.02
CA VAL A 329 14.20 -10.37 -25.65
C VAL A 329 14.15 -8.85 -25.51
N ALA A 330 13.97 -8.39 -24.28
CA ALA A 330 13.91 -6.96 -24.01
C ALA A 330 15.23 -6.45 -23.46
N ALA A 331 15.58 -5.23 -23.85
CA ALA A 331 16.78 -4.58 -23.37
C ALA A 331 16.43 -3.46 -22.40
N LEU A 332 17.36 -3.14 -21.52
CA LEU A 332 17.17 -2.12 -20.50
C LEU A 332 18.41 -1.26 -20.33
N ARG A 333 18.36 -0.04 -20.83
CA ARG A 333 19.49 0.86 -20.69
C ARG A 333 19.48 1.57 -19.34
N VAL A 334 20.54 1.39 -18.57
CA VAL A 334 20.71 2.19 -17.36
C VAL A 334 21.97 3.05 -17.54
N PRO A 335 21.77 4.37 -17.45
CA PRO A 335 22.72 5.42 -17.82
C PRO A 335 23.88 5.62 -16.85
N GLY A 336 25.05 5.92 -17.41
CA GLY A 336 26.24 6.24 -16.63
C GLY A 336 26.71 5.12 -15.71
N ALA A 337 26.25 3.90 -15.98
CA ALA A 337 26.52 2.79 -15.09
C ALA A 337 27.44 1.73 -15.69
N ALA A 338 28.24 2.11 -16.68
CA ALA A 338 29.28 1.22 -17.19
C ALA A 338 30.38 1.10 -16.15
N SER A 339 30.41 2.08 -15.25
CA SER A 339 31.38 2.12 -14.16
C SER A 339 30.98 1.21 -13.00
N MET A 340 29.98 0.37 -13.24
CA MET A 340 29.50 -0.54 -12.20
C MET A 340 30.51 -1.64 -11.89
N PRO A 341 30.77 -1.87 -10.59
CA PRO A 341 31.62 -2.97 -10.14
C PRO A 341 30.96 -4.31 -10.39
N ARG A 342 31.74 -5.31 -10.78
CA ARG A 342 31.22 -6.64 -11.07
C ARG A 342 30.41 -7.22 -9.92
N SER A 343 30.70 -6.75 -8.71
CA SER A 343 29.92 -7.11 -7.54
C SER A 343 28.45 -6.75 -7.72
N GLN A 344 28.20 -5.48 -8.06
CA GLN A 344 26.85 -4.98 -8.26
C GLN A 344 26.14 -5.74 -9.38
N ILE A 345 26.87 -6.00 -10.47
CA ILE A 345 26.33 -6.79 -11.57
C ILE A 345 25.87 -8.16 -11.08
N ASP A 346 26.68 -8.80 -10.26
CA ASP A 346 26.34 -10.12 -9.72
C ASP A 346 25.10 -10.05 -8.82
N ASP A 347 25.05 -9.02 -7.98
CA ASP A 347 23.88 -8.79 -7.13
C ASP A 347 22.63 -8.70 -7.99
N TYR A 348 22.71 -7.93 -9.07
CA TYR A 348 21.58 -7.78 -9.98
C TYR A 348 21.21 -9.08 -10.67
N THR A 349 22.21 -9.89 -11.03
CA THR A 349 21.94 -11.16 -11.69
C THR A 349 21.19 -12.10 -10.75
N LYS A 350 21.56 -12.08 -9.47
CA LYS A 350 20.85 -12.90 -8.49
C LYS A 350 19.44 -12.34 -8.28
N PHE A 351 19.34 -11.01 -8.31
CA PHE A 351 18.06 -10.35 -8.13
C PHE A 351 17.06 -10.71 -9.21
N VAL A 352 17.49 -10.65 -10.48
CA VAL A 352 16.63 -11.07 -11.57
C VAL A 352 16.49 -12.59 -11.52
N GLY A 353 17.41 -13.23 -10.81
CA GLY A 353 17.33 -14.66 -10.59
C GLY A 353 16.14 -15.06 -9.75
N ILE A 354 15.81 -14.25 -8.74
CA ILE A 354 14.69 -14.60 -7.85
C ILE A 354 13.34 -14.51 -8.58
N TYR A 355 13.33 -13.93 -9.77
CA TYR A 355 12.11 -13.81 -10.57
C TYR A 355 12.08 -14.76 -11.76
N GLY A 356 13.05 -15.66 -11.83
CA GLY A 356 13.03 -16.73 -12.82
C GLY A 356 14.02 -16.62 -13.98
N ALA A 357 14.77 -15.52 -14.03
CA ALA A 357 15.72 -15.32 -15.12
C ALA A 357 16.92 -16.26 -14.99
N LYS A 358 17.23 -16.96 -16.09
CA LYS A 358 18.36 -17.88 -16.10
C LYS A 358 19.68 -17.16 -15.83
N GLY A 359 19.77 -15.91 -16.26
CA GLY A 359 20.95 -15.09 -16.04
C GLY A 359 20.67 -13.64 -16.32
N LEU A 360 21.71 -12.85 -16.59
CA LEU A 360 21.52 -11.45 -16.92
C LEU A 360 22.66 -10.92 -17.79
N ALA A 361 22.48 -11.02 -19.10
CA ALA A 361 23.47 -10.54 -20.06
C ALA A 361 23.57 -9.01 -20.00
N TYR A 362 24.75 -8.48 -20.28
CA TYR A 362 24.95 -7.04 -20.24
C TYR A 362 25.94 -6.57 -21.30
N ILE A 363 25.87 -5.27 -21.60
CA ILE A 363 26.83 -4.62 -22.48
C ILE A 363 27.30 -3.32 -21.85
N LYS A 364 28.57 -3.26 -21.50
CA LYS A 364 29.17 -2.03 -21.01
C LYS A 364 29.62 -1.18 -22.18
N VAL A 365 29.05 0.01 -22.31
CA VAL A 365 29.39 0.90 -23.42
C VAL A 365 30.42 1.93 -23.00
N ASN A 366 31.59 1.89 -23.62
CA ASN A 366 32.67 2.80 -23.28
C ASN A 366 33.05 3.71 -24.44
N GLU A 367 33.27 3.13 -25.60
CA GLU A 367 33.57 3.90 -26.81
C GLU A 367 32.83 3.32 -28.02
N ARG A 368 31.76 3.98 -28.44
CA ARG A 368 30.98 3.49 -29.58
C ARG A 368 31.65 3.89 -30.90
N ALA A 369 32.61 4.80 -30.82
CA ALA A 369 33.35 5.22 -32.01
C ALA A 369 34.36 4.15 -32.42
N LYS A 370 34.72 3.28 -31.48
CA LYS A 370 35.70 2.24 -31.75
C LYS A 370 35.08 0.94 -32.23
N GLY A 371 33.77 0.94 -32.45
CA GLY A 371 33.09 -0.24 -32.98
C GLY A 371 32.86 -1.32 -31.94
N VAL A 372 33.12 -2.57 -32.31
CA VAL A 372 32.89 -3.71 -31.42
C VAL A 372 33.75 -3.61 -30.17
N GLU A 373 35.00 -3.22 -30.33
CA GLU A 373 35.84 -2.89 -29.18
C GLU A 373 35.38 -1.53 -28.68
N GLY A 374 35.47 -1.32 -27.37
CA GLY A 374 34.86 -0.16 -26.76
C GLY A 374 33.53 -0.58 -26.17
N LEU A 375 33.14 -1.81 -26.49
CA LEU A 375 31.97 -2.44 -25.88
C LEU A 375 32.44 -3.64 -25.06
N GLN A 376 32.68 -3.40 -23.77
CA GLN A 376 33.18 -4.45 -22.90
C GLN A 376 32.06 -5.41 -22.48
N SER A 377 32.18 -6.66 -22.94
CA SER A 377 31.22 -7.72 -22.58
C SER A 377 31.64 -9.05 -23.21
N PRO A 378 31.37 -10.16 -22.52
CA PRO A 378 31.63 -11.48 -23.11
C PRO A 378 30.64 -11.82 -24.22
N ILE A 379 29.56 -11.05 -24.29
CA ILE A 379 28.47 -11.27 -25.23
C ILE A 379 28.74 -10.60 -26.57
N VAL A 380 29.48 -9.50 -26.51
CA VAL A 380 29.78 -8.66 -27.67
C VAL A 380 30.41 -9.45 -28.83
N LYS A 381 30.92 -10.63 -28.53
CA LYS A 381 31.61 -11.47 -29.52
C LYS A 381 30.62 -12.27 -30.35
N PHE A 382 29.50 -12.64 -29.73
CA PHE A 382 28.51 -13.51 -30.37
C PHE A 382 27.48 -12.73 -31.19
N ILE A 383 27.58 -11.41 -31.17
CA ILE A 383 26.61 -10.58 -31.87
C ILE A 383 27.28 -9.67 -32.90
N PRO A 384 26.81 -9.72 -34.15
CA PRO A 384 27.34 -8.90 -35.25
C PRO A 384 27.34 -7.41 -34.91
N GLU A 385 28.25 -6.66 -35.52
CA GLU A 385 28.43 -5.25 -35.19
C GLU A 385 27.22 -4.40 -35.58
N ALA A 386 26.57 -4.75 -36.70
CA ALA A 386 25.44 -3.96 -37.20
C ALA A 386 24.25 -4.03 -36.26
N ASN A 387 23.81 -5.26 -35.99
CA ASN A 387 22.72 -5.51 -35.06
C ASN A 387 23.00 -4.85 -33.72
N LEU A 388 24.19 -5.10 -33.21
CA LEU A 388 24.68 -4.47 -31.99
C LEU A 388 24.46 -2.96 -31.99
N ASN A 389 24.92 -2.32 -33.06
CA ASN A 389 24.88 -0.87 -33.16
C ASN A 389 23.45 -0.32 -33.21
N VAL A 390 22.57 -0.98 -33.96
CA VAL A 390 21.19 -0.50 -34.02
C VAL A 390 20.44 -0.82 -32.73
N ILE A 391 20.90 -1.83 -31.99
CA ILE A 391 20.35 -2.12 -30.67
C ILE A 391 20.69 -0.99 -29.72
N LEU A 392 21.97 -0.63 -29.66
CA LEU A 392 22.40 0.48 -28.83
C LEU A 392 21.71 1.78 -29.25
N ASP A 393 21.46 1.94 -30.55
CA ASP A 393 20.74 3.11 -31.04
C ASP A 393 19.29 3.14 -30.53
N ARG A 394 18.60 2.01 -30.64
CA ARG A 394 17.20 1.92 -30.24
C ARG A 394 17.03 2.11 -28.74
N VAL A 395 17.92 1.48 -27.97
CA VAL A 395 17.85 1.53 -26.52
C VAL A 395 18.31 2.90 -25.99
N GLY A 396 18.89 3.70 -26.89
CA GLY A 396 19.30 5.05 -26.55
C GLY A 396 20.58 5.14 -25.74
N ALA A 397 21.44 4.13 -25.87
CA ALA A 397 22.67 4.07 -25.09
C ALA A 397 23.82 4.84 -25.74
N VAL A 398 24.62 5.50 -24.91
CA VAL A 398 25.85 6.13 -25.36
C VAL A 398 27.00 5.75 -24.44
N ASP A 399 28.14 6.40 -24.60
CA ASP A 399 29.33 6.11 -23.81
C ASP A 399 29.07 6.31 -22.31
N GLY A 400 29.38 5.28 -21.53
CA GLY A 400 29.23 5.36 -20.09
C GLY A 400 28.05 4.56 -19.55
N ASP A 401 27.09 4.26 -20.43
CA ASP A 401 25.88 3.54 -20.02
C ASP A 401 26.12 2.03 -20.05
N ILE A 402 25.17 1.29 -19.48
CA ILE A 402 25.23 -0.17 -19.62
C ILE A 402 23.84 -0.70 -19.94
N VAL A 403 23.77 -1.71 -20.81
CA VAL A 403 22.48 -2.24 -21.22
C VAL A 403 22.32 -3.69 -20.75
N PHE A 404 21.30 -3.93 -19.93
CA PHE A 404 20.98 -5.28 -19.47
C PHE A 404 20.01 -5.96 -20.44
N PHE A 405 19.99 -7.28 -20.43
CA PHE A 405 19.14 -8.02 -21.36
C PHE A 405 18.35 -9.13 -20.69
N GLY A 406 17.04 -9.10 -20.89
CA GLY A 406 16.18 -10.19 -20.47
C GLY A 406 15.71 -10.94 -21.70
N ALA A 407 16.19 -12.16 -21.86
CA ALA A 407 15.84 -12.96 -23.03
C ALA A 407 15.30 -14.31 -22.59
N ASP A 408 13.99 -14.44 -22.54
CA ASP A 408 13.38 -15.67 -22.01
C ASP A 408 11.90 -15.73 -22.35
N LYS A 409 11.16 -16.55 -21.62
CA LYS A 409 9.71 -16.61 -21.76
C LYS A 409 9.15 -15.23 -21.41
N ALA A 410 8.06 -14.86 -22.06
CA ALA A 410 7.48 -13.52 -21.92
C ALA A 410 7.27 -13.13 -20.45
N LYS A 411 6.62 -14.00 -19.70
CA LYS A 411 6.39 -13.75 -18.28
C LYS A 411 7.68 -13.51 -17.50
N ILE A 412 8.66 -14.38 -17.71
CA ILE A 412 9.93 -14.31 -16.99
C ILE A 412 10.65 -12.98 -17.24
N VAL A 413 10.82 -12.61 -18.50
CA VAL A 413 11.52 -11.37 -18.82
C VAL A 413 10.73 -10.15 -18.34
N CYS A 414 9.40 -10.22 -18.47
CA CYS A 414 8.54 -9.14 -17.98
C CYS A 414 8.70 -8.91 -16.48
N ASP A 415 8.71 -9.99 -15.71
CA ASP A 415 8.84 -9.91 -14.25
C ASP A 415 10.24 -9.50 -13.80
N ALA A 416 11.25 -10.17 -14.36
CA ALA A 416 12.63 -9.94 -13.97
C ALA A 416 13.11 -8.54 -14.35
N LEU A 417 12.88 -8.14 -15.59
CA LEU A 417 13.27 -6.80 -16.01
C LEU A 417 12.34 -5.75 -15.42
N GLY A 418 11.09 -6.15 -15.16
CA GLY A 418 10.13 -5.26 -14.53
C GLY A 418 10.57 -4.86 -13.15
N ALA A 419 11.13 -5.83 -12.42
CA ALA A 419 11.61 -5.59 -11.06
C ALA A 419 13.01 -4.96 -11.07
N LEU A 420 13.84 -5.38 -12.00
CA LEU A 420 15.18 -4.81 -12.14
C LEU A 420 15.07 -3.33 -12.42
N ARG A 421 14.06 -2.98 -13.21
CA ARG A 421 13.81 -1.60 -13.60
C ARG A 421 13.58 -0.70 -12.39
N ILE A 422 12.67 -1.13 -11.50
CA ILE A 422 12.36 -0.33 -10.32
C ILE A 422 13.52 -0.35 -9.33
N LYS A 423 14.21 -1.49 -9.25
CA LYS A 423 15.34 -1.59 -8.33
C LYS A 423 16.46 -0.63 -8.71
N VAL A 424 16.98 -0.73 -9.94
CA VAL A 424 18.03 0.17 -10.38
C VAL A 424 17.48 1.59 -10.54
N GLY A 425 16.16 1.70 -10.57
CA GLY A 425 15.51 3.00 -10.61
C GLY A 425 15.69 3.71 -9.28
N HIS A 426 15.52 2.97 -8.19
CA HIS A 426 15.70 3.54 -6.86
C HIS A 426 17.17 3.64 -6.47
N ASP A 427 17.97 2.67 -6.90
CA ASP A 427 19.37 2.61 -6.51
C ASP A 427 20.18 3.77 -7.07
N LEU A 428 19.76 4.29 -8.21
CA LEU A 428 20.44 5.42 -8.83
C LEU A 428 19.70 6.72 -8.60
N LYS A 429 18.62 6.64 -7.82
CA LYS A 429 17.76 7.79 -7.54
C LYS A 429 17.38 8.53 -8.82
N LEU A 430 16.61 7.85 -9.67
CA LEU A 430 16.22 8.39 -10.95
C LEU A 430 14.77 8.85 -10.95
N LEU A 431 14.21 9.04 -9.77
CA LEU A 431 12.82 9.50 -9.65
C LEU A 431 12.68 10.91 -10.21
N THR A 432 11.77 11.07 -11.17
CA THR A 432 11.64 12.31 -11.91
C THR A 432 10.53 13.22 -11.40
N ARG A 433 9.59 12.66 -10.65
CA ARG A 433 8.50 13.44 -10.08
C ARG A 433 8.05 12.86 -8.74
N GLU A 434 7.28 13.64 -7.98
CA GLU A 434 6.83 13.19 -6.67
C GLU A 434 5.62 12.28 -6.76
N TRP A 435 4.64 12.69 -7.56
CA TRP A 435 3.41 11.91 -7.71
C TRP A 435 3.19 11.49 -9.15
N ALA A 436 3.09 10.18 -9.36
CA ALA A 436 2.87 9.65 -10.71
C ALA A 436 1.60 8.82 -10.77
N PRO A 437 0.44 9.49 -10.82
CA PRO A 437 -0.84 8.80 -10.86
C PRO A 437 -1.14 8.31 -12.27
N MET A 438 -1.90 7.22 -12.37
CA MET A 438 -2.26 6.65 -13.67
C MET A 438 -3.37 5.62 -13.57
N TRP A 439 -3.95 5.30 -14.71
CA TRP A 439 -4.96 4.26 -14.83
C TRP A 439 -4.46 3.15 -15.74
N VAL A 440 -4.45 1.92 -15.25
CA VAL A 440 -4.16 0.78 -16.10
C VAL A 440 -5.49 0.16 -16.53
N VAL A 441 -5.73 0.16 -17.85
CA VAL A 441 -7.00 -0.27 -18.39
C VAL A 441 -6.82 -1.36 -19.44
N ASP A 442 -7.95 -1.92 -19.88
CA ASP A 442 -7.96 -2.96 -20.92
C ASP A 442 -7.17 -4.19 -20.53
N PHE A 443 -7.60 -4.85 -19.46
CA PHE A 443 -6.99 -6.09 -19.01
C PHE A 443 -7.49 -7.28 -19.83
N PRO A 444 -6.73 -8.38 -19.80
CA PRO A 444 -7.28 -9.66 -20.27
C PRO A 444 -8.32 -10.15 -19.28
N MET A 445 -9.21 -11.04 -19.71
CA MET A 445 -10.22 -11.55 -18.80
C MET A 445 -9.63 -12.65 -17.90
N PHE A 446 -8.84 -13.54 -18.47
CA PHE A 446 -8.29 -14.66 -17.71
C PHE A 446 -6.77 -14.77 -17.80
N GLU A 447 -6.23 -15.70 -17.02
CA GLU A 447 -4.82 -16.09 -17.07
C GLU A 447 -4.67 -17.51 -16.53
N GLU A 448 -3.70 -18.26 -17.02
CA GLU A 448 -3.50 -19.62 -16.54
C GLU A 448 -2.40 -19.67 -15.47
N ASN A 449 -2.57 -20.55 -14.49
CA ASN A 449 -1.69 -20.61 -13.33
C ASN A 449 -0.87 -21.89 -13.23
N ASP A 450 0.30 -21.92 -13.88
CA ASP A 450 1.22 -23.06 -13.83
C ASP A 450 0.58 -24.39 -14.23
N ASP A 451 -0.58 -24.29 -14.88
CA ASP A 451 -1.46 -25.43 -15.04
C ASP A 451 -2.58 -25.03 -15.99
N GLY A 452 -3.28 -26.00 -16.57
CA GLY A 452 -4.39 -25.73 -17.48
C GLY A 452 -5.50 -24.90 -16.85
N SER A 453 -5.52 -24.85 -15.53
CA SER A 453 -6.52 -24.08 -14.79
C SER A 453 -6.43 -22.58 -15.10
N LEU A 454 -7.60 -21.94 -15.24
CA LEU A 454 -7.65 -20.51 -15.48
C LEU A 454 -8.16 -19.76 -14.25
N SER A 455 -7.87 -18.46 -14.22
CA SER A 455 -8.33 -17.59 -13.14
C SER A 455 -8.49 -16.18 -13.68
N ALA A 456 -9.57 -15.51 -13.28
CA ALA A 456 -9.77 -14.12 -13.65
C ALA A 456 -8.76 -13.24 -12.91
N LEU A 457 -8.03 -12.41 -13.65
CA LEU A 457 -7.00 -11.59 -13.02
C LEU A 457 -7.61 -10.45 -12.21
N HIS A 458 -8.92 -10.25 -12.36
CA HIS A 458 -9.63 -9.33 -11.49
C HIS A 458 -10.48 -10.14 -10.50
N HIS A 459 -11.69 -10.53 -10.93
CA HIS A 459 -12.50 -11.49 -10.21
C HIS A 459 -13.60 -12.03 -11.13
N PRO A 460 -14.08 -13.26 -10.86
CA PRO A 460 -15.02 -13.95 -11.77
C PRO A 460 -16.36 -13.23 -12.00
N PHE A 461 -16.55 -12.05 -11.43
CA PHE A 461 -17.79 -11.31 -11.62
C PHE A 461 -17.57 -10.14 -12.58
N THR A 462 -16.36 -10.04 -13.11
CA THR A 462 -15.99 -8.98 -14.02
C THR A 462 -16.59 -9.21 -15.41
N SER A 463 -17.13 -8.13 -15.99
CA SER A 463 -17.76 -8.21 -17.30
C SER A 463 -16.73 -8.32 -18.41
N PRO A 464 -16.85 -9.37 -19.23
CA PRO A 464 -16.02 -9.52 -20.45
C PRO A 464 -16.54 -8.64 -21.58
N LYS A 465 -15.67 -8.30 -22.52
CA LYS A 465 -16.04 -7.45 -23.66
C LYS A 465 -16.88 -8.22 -24.69
N CYS A 466 -16.75 -9.54 -24.70
CA CYS A 466 -17.44 -10.37 -25.69
C CYS A 466 -18.76 -10.94 -25.18
N THR A 467 -19.29 -11.91 -25.92
CA THR A 467 -20.57 -12.56 -25.59
C THR A 467 -20.32 -13.89 -24.87
N PRO A 468 -21.34 -14.44 -24.20
CA PRO A 468 -21.11 -15.70 -23.46
C PRO A 468 -20.74 -16.88 -24.35
N ALA A 469 -20.89 -16.73 -25.67
CA ALA A 469 -20.49 -17.78 -26.61
C ALA A 469 -19.05 -17.58 -27.05
N GLU A 470 -18.68 -16.33 -27.32
CA GLU A 470 -17.32 -15.98 -27.73
C GLU A 470 -16.36 -16.04 -26.55
N LEU A 471 -16.87 -16.49 -25.41
CA LEU A 471 -16.11 -16.53 -24.16
C LEU A 471 -15.63 -17.94 -23.85
N GLU A 472 -16.53 -18.90 -23.94
CA GLU A 472 -16.18 -20.31 -23.74
C GLU A 472 -15.38 -20.84 -24.92
N ALA A 473 -15.43 -20.11 -26.04
CA ALA A 473 -14.54 -20.35 -27.16
C ALA A 473 -13.39 -19.34 -27.12
N ASN A 474 -12.17 -19.85 -27.21
CA ASN A 474 -10.94 -19.06 -27.01
C ASN A 474 -11.04 -17.96 -25.94
N PRO A 475 -11.08 -18.36 -24.66
CA PRO A 475 -11.21 -17.42 -23.53
C PRO A 475 -10.01 -16.49 -23.38
N GLY A 476 -8.91 -16.82 -24.04
CA GLY A 476 -7.69 -16.04 -23.95
C GLY A 476 -7.77 -14.73 -24.72
N ALA A 477 -8.69 -14.68 -25.68
CA ALA A 477 -8.86 -13.47 -26.49
C ALA A 477 -9.91 -12.56 -25.88
N ALA A 478 -10.36 -12.91 -24.68
CA ALA A 478 -11.41 -12.15 -24.00
C ALA A 478 -10.80 -11.03 -23.16
N LEU A 479 -11.34 -9.81 -23.33
CA LEU A 479 -10.91 -8.68 -22.53
C LEU A 479 -11.91 -8.41 -21.41
N SER A 480 -11.42 -7.90 -20.29
CA SER A 480 -12.29 -7.58 -19.18
C SER A 480 -12.61 -6.09 -19.16
N ARG A 481 -13.75 -5.76 -18.56
CA ARG A 481 -14.15 -4.38 -18.37
C ARG A 481 -13.58 -3.86 -17.06
N ALA A 482 -12.31 -4.18 -16.80
CA ALA A 482 -11.67 -3.83 -15.54
C ALA A 482 -10.72 -2.64 -15.67
N TYR A 483 -10.36 -2.05 -14.54
CA TYR A 483 -9.54 -0.86 -14.49
C TYR A 483 -8.87 -0.73 -13.13
N ASP A 484 -7.59 -0.41 -13.10
CA ASP A 484 -6.85 -0.26 -11.85
C ASP A 484 -6.25 1.13 -11.72
N MET A 485 -6.23 1.68 -10.51
CA MET A 485 -5.56 2.96 -10.30
C MET A 485 -4.20 2.75 -9.65
N VAL A 486 -3.18 3.33 -10.25
CA VAL A 486 -1.82 3.14 -9.77
C VAL A 486 -1.18 4.47 -9.42
N LEU A 487 -0.54 4.54 -8.25
CA LEU A 487 0.17 5.73 -7.86
C LEU A 487 1.57 5.37 -7.37
N ASN A 488 2.57 6.00 -7.98
CA ASN A 488 3.97 5.75 -7.65
C ASN A 488 4.28 4.26 -7.55
N GLY A 489 3.86 3.52 -8.56
CA GLY A 489 4.16 2.10 -8.65
C GLY A 489 3.35 1.19 -7.75
N THR A 490 2.57 1.76 -6.83
CA THR A 490 1.76 0.91 -5.96
C THR A 490 0.29 1.00 -6.34
N GLU A 491 -0.42 -0.12 -6.19
CA GLU A 491 -1.82 -0.21 -6.58
C GLU A 491 -2.74 0.43 -5.55
N LEU A 492 -3.27 1.61 -5.86
CA LEU A 492 -4.19 2.28 -4.95
C LEU A 492 -5.51 1.54 -4.87
N GLY A 493 -5.83 0.82 -5.94
CA GLY A 493 -7.06 0.05 -5.98
C GLY A 493 -7.54 -0.19 -7.39
N GLY A 494 -8.83 -0.41 -7.53
CA GLY A 494 -9.41 -0.67 -8.83
C GLY A 494 -10.70 -1.45 -8.73
N GLY A 495 -11.37 -1.62 -9.87
CA GLY A 495 -12.62 -2.34 -9.93
C GLY A 495 -12.97 -2.63 -11.36
N SER A 496 -14.26 -2.87 -11.62
CA SER A 496 -14.70 -3.25 -12.95
C SER A 496 -16.21 -3.12 -13.10
N ILE A 497 -16.69 -3.30 -14.33
CA ILE A 497 -18.12 -3.41 -14.56
C ILE A 497 -18.49 -4.87 -14.36
N ARG A 498 -19.60 -5.10 -13.67
CA ARG A 498 -19.97 -6.45 -13.26
C ARG A 498 -20.84 -7.15 -14.31
N ILE A 499 -20.95 -8.47 -14.16
CA ILE A 499 -21.82 -9.27 -15.00
C ILE A 499 -23.25 -9.23 -14.48
N HIS A 500 -24.22 -9.08 -15.36
CA HIS A 500 -25.62 -9.07 -14.95
C HIS A 500 -26.49 -9.96 -15.86
N ASP A 501 -25.86 -10.70 -16.76
CA ASP A 501 -26.59 -11.53 -17.71
C ASP A 501 -26.89 -12.94 -17.19
N LYS A 502 -26.33 -13.27 -16.03
CA LYS A 502 -26.42 -14.62 -15.44
C LYS A 502 -25.91 -15.73 -16.36
N SER A 503 -26.38 -15.75 -17.61
CA SER A 503 -25.86 -16.67 -18.61
C SER A 503 -24.35 -16.50 -18.74
N MET A 504 -23.93 -15.24 -18.82
CA MET A 504 -22.53 -14.88 -18.86
C MET A 504 -21.80 -15.29 -17.60
N GLN A 505 -22.42 -15.02 -16.45
CA GLN A 505 -21.86 -15.38 -15.16
C GLN A 505 -21.66 -16.89 -15.06
N GLN A 506 -22.62 -17.63 -15.61
CA GLN A 506 -22.51 -19.08 -15.65
C GLN A 506 -21.42 -19.51 -16.63
N ALA A 507 -21.23 -18.72 -17.69
CA ALA A 507 -20.17 -19.01 -18.65
C ALA A 507 -18.79 -18.89 -18.00
N VAL A 508 -18.52 -17.76 -17.35
CA VAL A 508 -17.25 -17.57 -16.65
C VAL A 508 -17.11 -18.53 -15.47
N PHE A 509 -18.22 -18.96 -14.89
CA PHE A 509 -18.17 -19.94 -13.81
C PHE A 509 -17.77 -21.31 -14.34
N ARG A 510 -18.24 -21.65 -15.54
CA ARG A 510 -17.88 -22.91 -16.18
C ARG A 510 -16.42 -22.92 -16.61
N VAL A 511 -15.99 -21.82 -17.22
CA VAL A 511 -14.62 -21.76 -17.74
C VAL A 511 -13.58 -21.70 -16.62
N LEU A 512 -14.03 -21.46 -15.38
CA LEU A 512 -13.13 -21.40 -14.24
C LEU A 512 -13.13 -22.70 -13.44
N GLY A 513 -13.84 -23.71 -13.95
CA GLY A 513 -13.84 -25.03 -13.34
C GLY A 513 -14.91 -25.24 -12.29
N ILE A 514 -15.77 -24.24 -12.12
CA ILE A 514 -16.87 -24.35 -11.16
C ILE A 514 -18.11 -24.94 -11.87
N ASP A 515 -18.45 -26.17 -11.52
CA ASP A 515 -19.61 -26.83 -12.08
C ASP A 515 -20.89 -26.32 -11.43
N GLU A 516 -22.04 -26.78 -11.93
CA GLU A 516 -23.32 -26.30 -11.43
C GLU A 516 -23.58 -26.69 -9.96
N ALA A 517 -22.80 -27.65 -9.47
CA ALA A 517 -22.88 -28.03 -8.07
C ALA A 517 -22.50 -26.86 -7.17
N GLU A 518 -21.30 -26.33 -7.39
CA GLU A 518 -20.85 -25.16 -6.64
C GLU A 518 -21.60 -23.90 -7.05
N GLN A 519 -21.95 -23.82 -8.33
CA GLN A 519 -22.72 -22.67 -8.84
C GLN A 519 -24.04 -22.55 -8.09
N GLU A 520 -24.64 -23.68 -7.74
CA GLU A 520 -25.90 -23.67 -7.01
C GLU A 520 -25.68 -23.54 -5.51
N GLU A 521 -24.65 -24.22 -5.00
CA GLU A 521 -24.42 -24.28 -3.56
C GLU A 521 -23.69 -23.05 -3.02
N LYS A 522 -22.66 -22.62 -3.73
CA LYS A 522 -21.82 -21.52 -3.25
C LYS A 522 -22.32 -20.16 -3.71
N PHE A 523 -22.60 -20.02 -5.00
CA PHE A 523 -23.00 -18.75 -5.58
C PHE A 523 -24.44 -18.76 -6.07
N GLY A 524 -25.27 -19.59 -5.43
CA GLY A 524 -26.65 -19.73 -5.83
C GLY A 524 -27.41 -18.42 -5.72
N PHE A 525 -27.24 -17.73 -4.60
CA PHE A 525 -27.94 -16.47 -4.36
C PHE A 525 -27.54 -15.39 -5.37
N LEU A 526 -26.32 -15.50 -5.89
CA LEU A 526 -25.86 -14.55 -6.91
C LEU A 526 -26.63 -14.74 -8.20
N LEU A 527 -26.68 -15.98 -8.69
CA LEU A 527 -27.41 -16.31 -9.90
C LEU A 527 -28.89 -15.94 -9.74
N ASP A 528 -29.44 -16.27 -8.57
CA ASP A 528 -30.80 -15.89 -8.23
C ASP A 528 -31.01 -14.38 -8.38
N ALA A 529 -30.16 -13.59 -7.73
CA ALA A 529 -30.31 -12.15 -7.75
C ALA A 529 -30.13 -11.59 -9.16
N LEU A 530 -29.32 -12.27 -9.97
CA LEU A 530 -29.12 -11.85 -11.34
C LEU A 530 -30.36 -12.13 -12.18
N LYS A 531 -31.08 -13.18 -11.83
CA LYS A 531 -32.27 -13.55 -12.59
C LYS A 531 -33.49 -12.71 -12.23
N TYR A 532 -33.49 -12.12 -11.04
CA TYR A 532 -34.65 -11.36 -10.56
C TYR A 532 -34.53 -9.86 -10.79
N GLY A 533 -33.86 -9.47 -11.88
CA GLY A 533 -33.83 -8.08 -12.29
C GLY A 533 -32.62 -7.29 -11.80
N ALA A 534 -31.45 -7.68 -12.26
CA ALA A 534 -30.21 -7.00 -11.90
C ALA A 534 -29.87 -5.93 -12.94
N PRO A 535 -29.62 -4.69 -12.48
CA PRO A 535 -29.28 -3.56 -13.33
C PRO A 535 -27.81 -3.56 -13.73
N PRO A 536 -27.45 -2.83 -14.80
CA PRO A 536 -26.05 -2.67 -15.14
C PRO A 536 -25.30 -1.95 -14.04
N HIS A 537 -24.37 -2.64 -13.38
CA HIS A 537 -23.67 -2.07 -12.25
C HIS A 537 -22.17 -2.32 -12.33
N GLY A 538 -21.40 -1.38 -11.82
CA GLY A 538 -19.95 -1.51 -11.79
C GLY A 538 -19.39 -0.81 -10.56
N GLY A 539 -18.23 -1.27 -10.09
CA GLY A 539 -17.65 -0.71 -8.88
C GLY A 539 -16.14 -0.64 -8.85
N LEU A 540 -15.63 -0.33 -7.66
CA LEU A 540 -14.20 -0.12 -7.44
C LEU A 540 -13.90 -0.15 -5.94
N ALA A 541 -12.68 -0.54 -5.58
CA ALA A 541 -12.25 -0.54 -4.18
C ALA A 541 -10.87 0.08 -4.03
N PHE A 542 -10.65 0.76 -2.91
CA PHE A 542 -9.34 1.36 -2.61
C PHE A 542 -8.68 0.69 -1.41
N GLY A 543 -7.38 0.44 -1.49
CA GLY A 543 -6.66 -0.05 -0.33
C GLY A 543 -6.30 1.10 0.59
N LEU A 544 -7.16 1.36 1.59
CA LEU A 544 -7.00 2.52 2.46
C LEU A 544 -5.63 2.55 3.13
N ASP A 545 -5.18 1.39 3.58
CA ASP A 545 -3.87 1.26 4.20
C ASP A 545 -2.77 1.79 3.29
N ARG A 546 -2.71 1.26 2.06
CA ARG A 546 -1.69 1.68 1.10
C ARG A 546 -1.81 3.16 0.76
N LEU A 547 -3.03 3.64 0.67
CA LEU A 547 -3.30 5.04 0.38
C LEU A 547 -2.67 5.95 1.44
N VAL A 548 -2.91 5.61 2.70
CA VAL A 548 -2.36 6.39 3.79
C VAL A 548 -0.85 6.25 3.84
N MET A 549 -0.37 5.05 3.52
CA MET A 549 1.08 4.80 3.49
C MET A 549 1.76 5.72 2.47
N LEU A 550 1.11 5.92 1.33
CA LEU A 550 1.64 6.81 0.30
C LEU A 550 1.56 8.26 0.74
N MET A 551 0.40 8.66 1.24
CA MET A 551 0.17 10.08 1.57
C MET A 551 1.02 10.55 2.74
N THR A 552 1.34 9.63 3.66
CA THR A 552 2.20 9.95 4.78
C THR A 552 3.67 9.92 4.35
N GLY A 553 3.98 9.03 3.41
CA GLY A 553 5.34 8.79 3.00
C GLY A 553 5.97 7.72 3.87
N ALA A 554 5.13 6.85 4.41
CA ALA A 554 5.59 5.81 5.32
C ALA A 554 6.31 4.70 4.57
N SER A 555 7.19 4.00 5.28
CA SER A 555 7.97 2.92 4.70
C SER A 555 7.15 1.64 4.59
N SER A 556 6.45 1.31 5.68
CA SER A 556 5.65 0.10 5.75
C SER A 556 4.19 0.44 6.02
N ILE A 557 3.30 -0.52 5.78
CA ILE A 557 1.89 -0.33 6.07
C ILE A 557 1.69 -0.27 7.59
N ARG A 558 2.58 -0.93 8.33
CA ARG A 558 2.46 -1.01 9.78
C ARG A 558 2.59 0.36 10.43
N GLU A 559 3.15 1.31 9.70
CA GLU A 559 3.33 2.66 10.21
C GLU A 559 2.04 3.46 10.18
N VAL A 560 1.06 3.02 9.38
CA VAL A 560 -0.20 3.75 9.29
C VAL A 560 -1.37 2.93 9.83
N ILE A 561 -1.04 1.93 10.65
CA ILE A 561 -2.06 1.12 11.31
C ILE A 561 -1.85 1.19 12.82
N ALA A 562 -2.93 1.39 13.56
CA ALA A 562 -2.86 1.53 15.01
C ALA A 562 -2.16 0.34 15.66
N PHE A 563 -2.71 -0.86 15.45
CA PHE A 563 -2.13 -2.07 16.03
C PHE A 563 -1.95 -3.17 14.98
N PRO A 564 -0.88 -3.06 14.18
CA PRO A 564 -0.60 -4.00 13.08
C PRO A 564 -0.15 -5.37 13.57
N LYS A 565 0.13 -6.27 12.63
CA LYS A 565 0.56 -7.62 12.96
C LYS A 565 1.89 -7.96 12.28
N THR A 566 2.56 -8.99 12.80
CA THR A 566 3.86 -9.41 12.29
C THR A 566 3.71 -10.32 11.07
N GLN A 567 4.84 -10.70 10.48
CA GLN A 567 4.86 -11.49 9.25
C GLN A 567 4.18 -12.86 9.44
N SER A 568 4.06 -13.28 10.69
CA SER A 568 3.39 -14.54 11.01
C SER A 568 1.98 -14.28 11.53
N ALA A 569 1.45 -13.11 11.20
CA ALA A 569 0.08 -12.71 11.56
C ALA A 569 -0.16 -12.74 13.07
N GLY A 570 0.90 -12.52 13.84
CA GLY A 570 0.77 -12.47 15.29
C GLY A 570 0.99 -11.06 15.82
N ASP A 571 0.40 -10.79 16.98
CA ASP A 571 0.59 -9.50 17.64
C ASP A 571 1.44 -9.68 18.88
N VAL A 572 2.60 -9.02 18.90
CA VAL A 572 3.56 -9.21 19.98
C VAL A 572 3.11 -8.53 21.26
N MET A 573 2.20 -7.56 21.15
CA MET A 573 1.75 -6.84 22.32
C MET A 573 0.72 -7.63 23.12
N THR A 574 -0.24 -8.22 22.42
CA THR A 574 -1.33 -8.93 23.07
C THR A 574 -1.14 -10.45 23.07
N GLN A 575 -0.01 -10.89 22.53
CA GLN A 575 0.33 -12.32 22.46
C GLN A 575 -0.71 -13.13 21.71
N ALA A 576 -1.39 -12.49 20.76
CA ALA A 576 -2.35 -13.18 19.90
C ALA A 576 -1.64 -13.75 18.68
N PRO A 577 -2.08 -14.92 18.20
CA PRO A 577 -3.18 -15.74 18.73
C PRO A 577 -2.78 -16.47 20.01
N GLY A 578 -3.75 -16.71 20.88
CA GLY A 578 -3.51 -17.35 22.15
C GLY A 578 -4.17 -18.71 22.24
N SER A 579 -4.05 -19.35 23.40
CA SER A 579 -4.64 -20.65 23.63
C SER A 579 -6.03 -20.53 24.26
N VAL A 580 -6.92 -21.43 23.88
CA VAL A 580 -8.26 -21.46 24.44
C VAL A 580 -8.48 -22.78 25.19
N ASP A 581 -9.20 -22.71 26.31
CA ASP A 581 -9.46 -23.89 27.14
C ASP A 581 -10.27 -24.93 26.39
N GLY A 582 -10.13 -26.19 26.80
CA GLY A 582 -10.77 -27.30 26.10
C GLY A 582 -12.27 -27.27 26.09
N LYS A 583 -12.86 -26.53 27.03
CA LYS A 583 -14.30 -26.41 27.12
C LYS A 583 -14.88 -25.70 25.90
N ALA A 584 -14.41 -24.46 25.67
CA ALA A 584 -14.86 -23.66 24.54
C ALA A 584 -14.49 -24.31 23.21
N LEU A 585 -13.42 -25.08 23.23
CA LEU A 585 -12.96 -25.79 22.04
C LEU A 585 -13.91 -26.93 21.71
N ARG A 586 -14.36 -27.63 22.74
CA ARG A 586 -15.29 -28.74 22.57
C ARG A 586 -16.66 -28.24 22.18
N GLU A 587 -17.02 -27.06 22.71
CA GLU A 587 -18.32 -26.45 22.46
C GLU A 587 -18.49 -26.10 20.99
N LEU A 588 -17.37 -25.87 20.30
CA LEU A 588 -17.38 -25.52 18.89
C LEU A 588 -17.21 -26.77 18.03
N HIS A 589 -17.28 -27.94 18.68
CA HIS A 589 -17.29 -29.23 18.00
C HIS A 589 -16.03 -29.50 17.18
N ILE A 590 -14.87 -29.23 17.75
CA ILE A 590 -13.60 -29.49 17.07
C ILE A 590 -12.53 -30.05 18.00
N ARG A 591 -11.50 -30.63 17.39
CA ARG A 591 -10.33 -31.13 18.13
C ARG A 591 -9.06 -30.62 17.47
N LEU A 592 -7.97 -30.61 18.24
CA LEU A 592 -6.67 -30.20 17.71
C LEU A 592 -5.88 -31.43 17.26
N ARG A 593 -4.63 -31.20 16.84
CA ARG A 593 -3.72 -32.29 16.54
C ARG A 593 -2.27 -31.78 16.61
N GLU A 594 -1.41 -32.54 17.29
CA GLU A 594 -0.02 -32.13 17.47
C GLU A 594 0.93 -32.93 16.59
#